data_5I8G
#
_entry.id   5I8G
#
_cell.length_a   92.110
_cell.length_b   60.060
_cell.length_c   54.120
_cell.angle_alpha   90.000
_cell.angle_beta   102.710
_cell.angle_gamma   90.000
#
_symmetry.space_group_name_H-M   'C 1 2 1'
#
loop_
_entity.id
_entity.type
_entity.pdbx_description
1 polymer 'CREB-binding protein'
2 non-polymer 'ZINC ION'
3 non-polymer (4R)-4-methyl-6-[1-methyl-3-(1-methyl-1H-pyrazol-4-yl)-1H-indazol-5-yl]-1,3,4,5-tetrahydro-2H-1,5-benzodiazepin-2-one
4 non-polymer 2-[3-(2-HYDROXY-1,1-DIHYDROXYMETHYL-ETHYLAMINO)-PROPYLAMINO]-2-HYDROXYMETHYL-PROPANE-1,3-DIOL
5 non-polymer 1,2-ETHANEDIOL
6 non-polymer 'SODIUM ION'
7 non-polymer DI(HYDROXYETHYL)ETHER
8 water water
#
_entity_poly.entity_id   1
_entity_poly.type   'polypeptide(L)'
_entity_poly.pdbx_seq_one_letter_code
;MHHHHHHGSLVPRGSMDYKDDDDKENLYFQGSRKKIFKPEELRQALMPTLEALYRQDPESLPFRQPVDPQLLGIPDYFDI
VKNPMDLSTIKRKLDTGQYQEPWQYVDDVWLMFNNAWLYNRKTSRVYKFCSKLAEVFEQEIDPVMQSLGYCCGRKYEFSP
QTLCCYGKQLCTIPRDAAYYSYQNRYHFCEKCFTEIQGENVTLGDDPSQPQTTISKDQFEKKKNDTLDPEPFVDCKECGR
KMHQICVLHYDIIWPSGFVCDNCL
;
_entity_poly.pdbx_strand_id   A
#
loop_
_chem_comp.id
_chem_comp.type
_chem_comp.name
_chem_comp.formula
69E non-polymer (4R)-4-methyl-6-[1-methyl-3-(1-methyl-1H-pyrazol-4-yl)-1H-indazol-5-yl]-1,3,4,5-tetrahydro-2H-1,5-benzodiazepin-2-one 'C22 H22 N6 O'
B3P non-polymer 2-[3-(2-HYDROXY-1,1-DIHYDROXYMETHYL-ETHYLAMINO)-PROPYLAMINO]-2-HYDROXYMETHYL-PROPANE-1,3-DIOL 'C11 H26 N2 O6'
EDO non-polymer 1,2-ETHANEDIOL 'C2 H6 O2'
NA non-polymer 'SODIUM ION' 'Na 1'
PEG non-polymer DI(HYDROXYETHYL)ETHER 'C4 H10 O3'
ZN non-polymer 'ZINC ION' 'Zn 2'
#
# COMPACT_ATOMS: atom_id res chain seq x y z
N GLY A 31 18.62 25.16 -9.50
CA GLY A 31 19.53 24.59 -8.53
C GLY A 31 18.93 24.29 -7.16
N SER A 32 17.82 23.55 -7.14
CA SER A 32 17.06 23.34 -5.91
C SER A 32 17.41 22.05 -5.18
N ARG A 33 18.58 21.47 -5.49
CA ARG A 33 19.13 20.36 -4.70
CA ARG A 33 19.18 20.34 -4.77
C ARG A 33 18.34 19.05 -4.84
N LYS A 34 17.56 18.90 -5.90
CA LYS A 34 16.76 17.68 -6.05
C LYS A 34 17.64 16.44 -6.13
N LYS A 35 17.24 15.41 -5.40
CA LYS A 35 17.97 14.14 -5.48
C LYS A 35 17.56 13.40 -6.74
N ILE A 36 18.55 13.07 -7.57
CA ILE A 36 18.35 12.27 -8.76
C ILE A 36 19.02 10.94 -8.51
N PHE A 37 18.27 9.84 -8.65
CA PHE A 37 18.84 8.52 -8.42
C PHE A 37 19.34 7.97 -9.75
N LYS A 38 20.61 7.61 -9.79
CA LYS A 38 21.04 6.99 -11.02
C LYS A 38 20.68 5.50 -11.02
N PRO A 39 20.50 4.93 -12.21
CA PRO A 39 20.04 3.52 -12.27
C PRO A 39 20.88 2.55 -11.47
N GLU A 40 22.21 2.67 -11.50
CA GLU A 40 23.04 1.70 -10.78
C GLU A 40 22.90 1.85 -9.28
N GLU A 41 22.67 3.06 -8.78
CA GLU A 41 22.40 3.28 -7.37
C GLU A 41 21.16 2.52 -6.95
N LEU A 42 20.08 2.63 -7.72
CA LEU A 42 18.85 1.92 -7.37
C LEU A 42 19.04 0.42 -7.51
N ARG A 43 19.70 -0.03 -8.58
CA ARG A 43 19.86 -1.47 -8.78
C ARG A 43 20.67 -2.10 -7.67
N GLN A 44 21.81 -1.50 -7.32
CA GLN A 44 22.66 -2.05 -6.27
C GLN A 44 21.95 -2.08 -4.92
N ALA A 45 21.14 -1.08 -4.62
CA ALA A 45 20.47 -1.02 -3.33
C ALA A 45 19.27 -1.95 -3.26
N LEU A 46 18.47 -2.01 -4.33
CA LEU A 46 17.18 -2.68 -4.27
C LEU A 46 17.23 -4.12 -4.74
N MET A 47 18.20 -4.49 -5.58
CA MET A 47 18.25 -5.87 -6.03
C MET A 47 18.33 -6.89 -4.90
N PRO A 48 19.05 -6.66 -3.80
CA PRO A 48 19.06 -7.66 -2.72
C PRO A 48 17.69 -7.90 -2.13
N THR A 49 16.79 -6.91 -2.15
CA THR A 49 15.45 -7.16 -1.64
C THR A 49 14.64 -8.03 -2.59
N LEU A 50 14.85 -7.86 -3.91
CA LEU A 50 14.21 -8.71 -4.89
C LEU A 50 14.75 -10.13 -4.82
N GLU A 51 16.07 -10.26 -4.63
CA GLU A 51 16.67 -11.57 -4.52
C GLU A 51 16.15 -12.31 -3.30
N ALA A 52 15.87 -11.59 -2.22
CA ALA A 52 15.29 -12.23 -1.03
C ALA A 52 13.94 -12.84 -1.34
N LEU A 53 13.16 -12.21 -2.20
CA LEU A 53 11.89 -12.81 -2.63
C LEU A 53 12.16 -14.03 -3.53
N TYR A 54 13.06 -13.88 -4.50
CA TYR A 54 13.37 -14.98 -5.41
C TYR A 54 13.87 -16.20 -4.65
N ARG A 55 14.63 -15.99 -3.58
CA ARG A 55 15.18 -17.11 -2.79
C ARG A 55 14.09 -17.97 -2.16
N GLN A 56 12.88 -17.47 -1.99
CA GLN A 56 11.86 -18.25 -1.29
C GLN A 56 11.36 -19.38 -2.18
N ASP A 57 11.53 -20.62 -1.71
CA ASP A 57 11.12 -21.79 -2.46
C ASP A 57 10.27 -22.58 -1.47
N PRO A 58 8.98 -22.84 -1.77
CA PRO A 58 8.29 -22.71 -3.06
C PRO A 58 7.64 -21.36 -3.32
N GLU A 59 7.71 -20.42 -2.36
CA GLU A 59 6.74 -19.32 -2.39
C GLU A 59 6.92 -18.36 -3.56
N SER A 60 8.14 -18.22 -4.10
CA SER A 60 8.33 -17.32 -5.21
C SER A 60 7.95 -17.95 -6.55
N LEU A 61 7.74 -19.27 -6.59
CA LEU A 61 7.58 -19.94 -7.88
C LEU A 61 6.44 -19.38 -8.73
N PRO A 62 5.25 -19.07 -8.18
CA PRO A 62 4.19 -18.50 -9.03
C PRO A 62 4.49 -17.11 -9.56
N PHE A 63 5.52 -16.45 -9.03
CA PHE A 63 5.78 -15.04 -9.26
C PHE A 63 7.04 -14.78 -10.05
N ARG A 64 7.79 -15.81 -10.43
CA ARG A 64 9.07 -15.60 -11.09
C ARG A 64 8.94 -15.26 -12.57
N GLN A 65 7.76 -15.34 -13.15
CA GLN A 65 7.58 -15.14 -14.58
C GLN A 65 6.24 -14.46 -14.81
N PRO A 66 6.07 -13.77 -15.94
CA PRO A 66 4.78 -13.11 -16.21
C PRO A 66 3.64 -14.12 -16.27
N VAL A 67 2.49 -13.74 -15.70
CA VAL A 67 1.31 -14.59 -15.73
C VAL A 67 0.88 -14.81 -17.18
N ASP A 68 0.67 -16.09 -17.52
CA ASP A 68 0.29 -16.51 -18.87
C ASP A 68 -1.07 -17.18 -18.74
N PRO A 69 -2.18 -16.43 -18.87
CA PRO A 69 -3.49 -17.00 -18.54
C PRO A 69 -3.87 -18.23 -19.34
N GLN A 70 -3.56 -18.27 -20.64
CA GLN A 70 -3.93 -19.42 -21.44
C GLN A 70 -3.11 -20.65 -21.03
N LEU A 71 -1.82 -20.47 -20.80
CA LEU A 71 -0.98 -21.60 -20.37
C LEU A 71 -1.42 -22.14 -19.02
N LEU A 72 -1.78 -21.25 -18.09
CA LEU A 72 -2.19 -21.66 -16.75
C LEU A 72 -3.64 -22.12 -16.69
N GLY A 73 -4.44 -21.83 -17.71
CA GLY A 73 -5.84 -22.18 -17.67
C GLY A 73 -6.67 -21.26 -16.81
N ILE A 74 -6.32 -19.98 -16.74
CA ILE A 74 -7.10 -19.01 -15.98
C ILE A 74 -7.53 -17.89 -16.93
N PRO A 75 -8.42 -18.17 -17.89
CA PRO A 75 -8.70 -17.19 -18.96
C PRO A 75 -9.38 -15.92 -18.50
N ASP A 76 -9.92 -15.86 -17.28
CA ASP A 76 -10.53 -14.64 -16.77
C ASP A 76 -9.53 -13.72 -16.09
N TYR A 77 -8.24 -14.06 -16.10
CA TYR A 77 -7.26 -13.35 -15.29
C TYR A 77 -7.26 -11.85 -15.59
N PHE A 78 -7.22 -11.49 -16.87
CA PHE A 78 -7.15 -10.08 -17.23
C PHE A 78 -8.48 -9.35 -17.13
N ASP A 79 -9.59 -10.06 -16.89
CA ASP A 79 -10.81 -9.37 -16.50
C ASP A 79 -10.67 -8.78 -15.10
N ILE A 80 -9.89 -9.43 -14.25
CA ILE A 80 -9.75 -9.04 -12.86
C ILE A 80 -8.48 -8.23 -12.62
N VAL A 81 -7.36 -8.65 -13.21
CA VAL A 81 -6.08 -8.00 -13.04
C VAL A 81 -5.79 -7.15 -14.28
N LYS A 82 -5.88 -5.82 -14.14
CA LYS A 82 -5.72 -4.93 -15.28
C LYS A 82 -4.26 -4.58 -15.55
N ASN A 83 -3.40 -4.65 -14.55
CA ASN A 83 -1.99 -4.28 -14.68
C ASN A 83 -1.14 -5.35 -14.03
N PRO A 84 -0.77 -6.38 -14.77
CA PRO A 84 0.02 -7.48 -14.20
C PRO A 84 1.42 -7.03 -13.80
N MET A 85 2.01 -7.78 -12.88
CA MET A 85 3.38 -7.52 -12.45
C MET A 85 3.96 -8.81 -11.88
N ASP A 86 5.27 -9.00 -12.05
CA ASP A 86 5.93 -10.22 -11.61
C ASP A 86 7.40 -9.93 -11.33
N LEU A 87 8.08 -10.89 -10.69
CA LEU A 87 9.47 -10.66 -10.30
C LEU A 87 10.38 -10.41 -11.50
N SER A 88 10.18 -11.13 -12.59
CA SER A 88 11.06 -10.96 -13.75
C SER A 88 10.92 -9.57 -14.35
N THR A 89 9.70 -9.02 -14.35
CA THR A 89 9.50 -7.68 -14.89
C THR A 89 10.12 -6.63 -13.98
N ILE A 90 9.97 -6.76 -12.67
CA ILE A 90 10.62 -5.84 -11.74
C ILE A 90 12.13 -5.88 -11.91
N LYS A 91 12.70 -7.08 -12.01
CA LYS A 91 14.15 -7.21 -12.22
C LYS A 91 14.57 -6.50 -13.49
N ARG A 92 13.81 -6.70 -14.57
CA ARG A 92 14.18 -6.07 -15.84
C ARG A 92 14.12 -4.56 -15.72
N LYS A 93 13.10 -4.03 -15.02
CA LYS A 93 13.01 -2.59 -14.82
C LYS A 93 14.18 -2.05 -14.03
N LEU A 94 14.64 -2.78 -13.00
CA LEU A 94 15.84 -2.38 -12.28
C LEU A 94 17.05 -2.44 -13.19
N ASP A 95 17.14 -3.49 -14.01
CA ASP A 95 18.30 -3.67 -14.87
C ASP A 95 18.39 -2.63 -15.99
N THR A 96 17.27 -2.02 -16.37
CA THR A 96 17.24 -1.07 -17.48
C THR A 96 16.96 0.37 -17.04
N GLY A 97 17.00 0.65 -15.74
CA GLY A 97 16.82 2.01 -15.27
C GLY A 97 15.44 2.61 -15.48
N GLN A 98 14.37 1.81 -15.36
CA GLN A 98 13.04 2.33 -15.59
C GLN A 98 12.41 2.96 -14.34
N TYR A 99 13.09 2.89 -13.19
CA TYR A 99 12.61 3.52 -11.98
C TYR A 99 13.39 4.81 -11.74
N GLN A 100 12.67 5.91 -11.55
CA GLN A 100 13.33 7.17 -11.21
C GLN A 100 13.60 7.27 -9.71
N GLU A 101 12.77 6.67 -8.87
CA GLU A 101 12.96 6.77 -7.44
C GLU A 101 12.43 5.50 -6.79
N PRO A 102 12.94 5.13 -5.61
CA PRO A 102 12.70 3.77 -5.11
C PRO A 102 11.27 3.47 -4.72
N TRP A 103 10.43 4.47 -4.39
CA TRP A 103 9.03 4.15 -4.12
C TRP A 103 8.32 3.56 -5.35
N GLN A 104 8.81 3.84 -6.57
CA GLN A 104 8.19 3.21 -7.73
C GLN A 104 8.47 1.72 -7.76
N TYR A 105 9.64 1.31 -7.26
CA TYR A 105 9.94 -0.12 -7.14
C TYR A 105 9.07 -0.75 -6.06
N VAL A 106 8.96 -0.08 -4.90
CA VAL A 106 8.10 -0.57 -3.83
C VAL A 106 6.67 -0.73 -4.33
N ASP A 107 6.19 0.23 -5.14
CA ASP A 107 4.84 0.17 -5.66
C ASP A 107 4.65 -1.05 -6.56
N ASP A 108 5.66 -1.37 -7.36
CA ASP A 108 5.54 -2.53 -8.25
C ASP A 108 5.50 -3.83 -7.46
N VAL A 109 6.32 -3.92 -6.40
CA VAL A 109 6.29 -5.12 -5.56
C VAL A 109 4.90 -5.31 -4.97
N TRP A 110 4.32 -4.25 -4.44
CA TRP A 110 2.99 -4.36 -3.85
C TRP A 110 1.89 -4.55 -4.91
N LEU A 111 2.09 -4.03 -6.13
CA LEU A 111 1.13 -4.34 -7.19
C LEU A 111 1.10 -5.84 -7.47
N MET A 112 2.29 -6.45 -7.55
CA MET A 112 2.36 -7.89 -7.73
C MET A 112 1.62 -8.62 -6.61
N PHE A 113 1.89 -8.23 -5.35
CA PHE A 113 1.21 -8.89 -4.23
C PHE A 113 -0.30 -8.67 -4.29
N ASN A 114 -0.72 -7.42 -4.51
CA ASN A 114 -2.14 -7.10 -4.47
C ASN A 114 -2.90 -7.78 -5.59
N ASN A 115 -2.30 -7.89 -6.78
CA ASN A 115 -2.92 -8.63 -7.85
C ASN A 115 -3.20 -10.07 -7.44
N ALA A 116 -2.24 -10.70 -6.77
CA ALA A 116 -2.41 -12.09 -6.39
C ALA A 116 -3.43 -12.24 -5.26
N TRP A 117 -3.42 -11.32 -4.30
CA TRP A 117 -4.42 -11.42 -3.23
C TRP A 117 -5.82 -11.16 -3.77
N LEU A 118 -5.95 -10.38 -4.84
CA LEU A 118 -7.26 -10.12 -5.44
C LEU A 118 -7.73 -11.31 -6.26
N TYR A 119 -6.86 -11.82 -7.13
CA TYR A 119 -7.28 -12.85 -8.07
C TYR A 119 -7.54 -14.19 -7.38
N ASN A 120 -6.70 -14.55 -6.42
CA ASN A 120 -6.72 -15.87 -5.83
C ASN A 120 -7.53 -15.86 -4.53
N ARG A 121 -8.13 -17.00 -4.23
N ARG A 121 -8.13 -17.00 -4.23
CA ARG A 121 -8.89 -17.15 -2.99
CA ARG A 121 -8.89 -17.16 -2.99
C ARG A 121 -7.94 -17.27 -1.81
C ARG A 121 -7.93 -17.26 -1.81
N LYS A 122 -8.42 -16.82 -0.64
CA LYS A 122 -7.58 -16.82 0.56
C LYS A 122 -7.07 -18.21 0.94
N THR A 123 -7.80 -19.27 0.59
CA THR A 123 -7.41 -20.63 0.90
C THR A 123 -6.47 -21.24 -0.13
N SER A 124 -6.19 -20.54 -1.22
CA SER A 124 -5.36 -21.12 -2.28
C SER A 124 -3.88 -21.04 -1.94
N ARG A 125 -3.11 -21.93 -2.56
CA ARG A 125 -1.67 -21.95 -2.34
CA ARG A 125 -1.67 -21.94 -2.31
C ARG A 125 -1.01 -20.67 -2.82
N VAL A 126 -1.42 -20.16 -3.98
CA VAL A 126 -0.81 -18.93 -4.50
C VAL A 126 -1.03 -17.76 -3.54
N TYR A 127 -2.24 -17.64 -2.99
CA TYR A 127 -2.51 -16.58 -2.01
C TYR A 127 -1.60 -16.71 -0.80
N LYS A 128 -1.51 -17.92 -0.25
CA LYS A 128 -0.68 -18.14 0.93
C LYS A 128 0.80 -17.89 0.62
N PHE A 129 1.25 -18.30 -0.58
CA PHE A 129 2.63 -18.03 -0.98
C PHE A 129 2.87 -16.54 -1.07
N CYS A 130 1.92 -15.80 -1.65
CA CYS A 130 2.04 -14.35 -1.72
C CYS A 130 2.21 -13.75 -0.32
N SER A 131 1.41 -14.20 0.64
CA SER A 131 1.52 -13.64 1.99
C SER A 131 2.91 -13.87 2.57
N LYS A 132 3.51 -15.03 2.30
CA LYS A 132 4.88 -15.28 2.75
C LYS A 132 5.86 -14.30 2.11
N LEU A 133 5.74 -14.08 0.79
CA LEU A 133 6.63 -13.13 0.15
C LEU A 133 6.48 -11.74 0.75
N ALA A 134 5.26 -11.33 1.04
CA ALA A 134 5.06 -10.00 1.59
C ALA A 134 5.69 -9.89 2.97
N GLU A 135 5.63 -10.96 3.78
CA GLU A 135 6.30 -10.96 5.08
CA GLU A 135 6.29 -10.95 5.08
C GLU A 135 7.80 -10.78 4.93
N VAL A 136 8.40 -11.50 3.97
CA VAL A 136 9.82 -11.36 3.73
C VAL A 136 10.16 -9.94 3.29
N PHE A 137 9.37 -9.39 2.35
CA PHE A 137 9.66 -8.04 1.85
C PHE A 137 9.61 -7.01 2.96
N GLU A 138 8.60 -7.08 3.81
CA GLU A 138 8.47 -6.08 4.87
C GLU A 138 9.65 -6.11 5.82
N GLN A 139 10.27 -7.28 5.99
CA GLN A 139 11.43 -7.41 6.87
C GLN A 139 12.72 -6.97 6.21
N GLU A 140 12.75 -6.84 4.88
CA GLU A 140 13.96 -6.49 4.14
C GLU A 140 14.02 -5.03 3.73
N ILE A 141 12.87 -4.38 3.51
CA ILE A 141 12.86 -3.13 2.76
C ILE A 141 13.30 -1.93 3.59
N ASP A 142 13.05 -1.89 4.90
CA ASP A 142 13.30 -0.65 5.64
C ASP A 142 14.77 -0.24 5.65
N PRO A 143 15.72 -1.09 6.03
CA PRO A 143 17.12 -0.62 6.05
C PRO A 143 17.62 -0.25 4.67
N VAL A 144 17.11 -0.90 3.63
CA VAL A 144 17.51 -0.57 2.27
C VAL A 144 17.01 0.81 1.89
N MET A 145 15.74 1.11 2.19
CA MET A 145 15.24 2.45 1.93
C MET A 145 15.95 3.48 2.78
N GLN A 146 16.30 3.13 4.02
CA GLN A 146 17.04 4.06 4.85
C GLN A 146 18.43 4.35 4.27
N SER A 147 19.05 3.36 3.63
CA SER A 147 20.35 3.59 2.99
C SER A 147 20.25 4.54 1.80
N LEU A 148 19.07 4.64 1.19
CA LEU A 148 18.78 5.57 0.10
C LEU A 148 18.28 6.92 0.60
N GLY A 149 18.28 7.13 1.92
CA GLY A 149 17.94 8.41 2.49
C GLY A 149 16.52 8.56 2.98
N TYR A 150 15.75 7.48 3.01
CA TYR A 150 14.34 7.56 3.38
C TYR A 150 14.13 7.19 4.84
N CYS A 151 12.92 7.48 5.33
CA CYS A 151 12.58 7.17 6.71
C CYS A 151 12.47 5.66 6.93
N CYS A 152 11.90 4.96 5.95
CA CYS A 152 11.64 3.51 6.00
C CYS A 152 11.14 3.12 4.62
N GLY A 153 10.74 1.85 4.47
CA GLY A 153 10.20 1.40 3.20
C GLY A 153 8.79 0.84 3.27
N ARG A 154 8.07 1.18 4.35
CA ARG A 154 6.76 0.59 4.60
C ARG A 154 5.68 1.36 3.83
N LYS A 155 4.94 0.66 2.99
CA LYS A 155 3.94 1.31 2.15
C LYS A 155 2.65 1.61 2.91
N TYR A 156 2.12 0.63 3.64
CA TYR A 156 0.79 0.74 4.23
C TYR A 156 0.81 1.13 5.70
N GLU A 157 -0.27 1.81 6.11
CA GLU A 157 -0.50 2.08 7.51
C GLU A 157 -0.57 0.77 8.29
N PHE A 158 -0.28 0.85 9.59
CA PHE A 158 -0.21 -0.36 10.39
C PHE A 158 -1.57 -0.98 10.65
N SER A 159 -2.63 -0.16 10.71
N SER A 159 -2.63 -0.16 10.70
CA SER A 159 -3.94 -0.63 11.10
CA SER A 159 -3.94 -0.63 11.12
C SER A 159 -5.01 0.07 10.28
C SER A 159 -5.01 0.07 10.30
N PRO A 160 -6.16 -0.57 10.10
CA PRO A 160 -7.30 0.14 9.50
C PRO A 160 -7.69 1.30 10.40
N GLN A 161 -8.15 2.38 9.78
CA GLN A 161 -8.61 3.53 10.55
C GLN A 161 -9.94 3.20 11.20
N THR A 162 -10.11 3.65 12.44
CA THR A 162 -11.39 3.50 13.13
C THR A 162 -12.43 4.35 12.43
N LEU A 163 -13.60 3.77 12.17
CA LEU A 163 -14.68 4.44 11.47
C LEU A 163 -15.74 4.90 12.46
N CYS A 164 -16.46 5.94 12.07
CA CYS A 164 -17.56 6.46 12.89
C CYS A 164 -18.87 5.82 12.46
N CYS A 165 -19.69 5.43 13.44
CA CYS A 165 -20.99 4.85 13.18
C CYS A 165 -22.07 5.92 13.32
N TYR A 166 -22.97 5.99 12.33
CA TYR A 166 -23.95 7.06 12.31
C TYR A 166 -25.08 6.83 13.32
N GLY A 167 -25.36 5.58 13.66
CA GLY A 167 -26.45 5.24 14.57
C GLY A 167 -26.42 5.98 15.88
N LYS A 168 -25.37 5.79 16.67
CA LYS A 168 -25.18 6.49 17.93
C LYS A 168 -24.10 7.55 17.78
N GLN A 169 -24.04 8.45 18.76
CA GLN A 169 -23.01 9.49 18.76
C GLN A 169 -21.67 8.93 19.20
N LEU A 170 -21.65 8.23 20.34
CA LEU A 170 -20.43 7.66 20.88
C LEU A 170 -19.83 6.62 19.93
N CYS A 171 -20.66 5.97 19.13
CA CYS A 171 -20.31 4.67 18.57
C CYS A 171 -19.28 4.78 17.46
N THR A 172 -18.30 3.86 17.48
CA THR A 172 -17.26 3.78 16.47
C THR A 172 -17.05 2.33 16.06
N ILE A 173 -16.50 2.14 14.87
CA ILE A 173 -16.29 0.81 14.28
C ILE A 173 -14.80 0.50 14.37
N PRO A 174 -14.39 -0.48 15.15
CA PRO A 174 -12.96 -0.78 15.32
C PRO A 174 -12.43 -1.59 14.14
N ARG A 175 -11.13 -1.87 14.18
CA ARG A 175 -10.51 -2.65 13.12
C ARG A 175 -11.07 -4.06 13.09
N ASP A 176 -11.14 -4.62 11.87
CA ASP A 176 -11.61 -5.99 11.63
C ASP A 176 -13.07 -6.19 11.97
N ALA A 177 -13.82 -5.10 12.13
CA ALA A 177 -15.24 -5.19 12.47
C ALA A 177 -16.09 -5.18 11.21
N ALA A 178 -17.23 -5.85 11.29
CA ALA A 178 -18.20 -5.86 10.20
C ALA A 178 -19.10 -4.64 10.30
N TYR A 179 -19.49 -4.11 9.14
CA TYR A 179 -20.30 -2.90 9.09
C TYR A 179 -20.94 -2.78 7.72
N TYR A 180 -21.87 -1.84 7.60
CA TYR A 180 -22.55 -1.55 6.35
C TYR A 180 -22.17 -0.15 5.90
N SER A 181 -22.05 0.04 4.58
CA SER A 181 -21.57 1.31 4.05
C SER A 181 -22.26 1.63 2.73
N TYR A 182 -22.82 2.85 2.64
CA TYR A 182 -23.23 3.48 1.39
C TYR A 182 -22.15 4.46 0.97
N GLN A 183 -21.78 4.40 -0.31
CA GLN A 183 -20.91 5.36 -0.99
C GLN A 183 -19.54 5.43 -0.34
N ASN A 184 -19.21 4.48 0.53
CA ASN A 184 -17.95 4.54 1.22
C ASN A 184 -17.87 5.81 2.09
N ARG A 185 -19.06 6.34 2.45
CA ARG A 185 -19.26 7.57 3.22
C ARG A 185 -19.88 7.30 4.58
N TYR A 186 -21.13 6.85 4.57
CA TYR A 186 -21.96 6.70 5.75
C TYR A 186 -21.91 5.25 6.21
N HIS A 187 -21.47 5.04 7.44
CA HIS A 187 -21.22 3.70 7.96
C HIS A 187 -22.07 3.45 9.20
N PHE A 188 -22.59 2.23 9.32
CA PHE A 188 -23.29 1.78 10.51
C PHE A 188 -22.69 0.46 10.95
N CYS A 189 -22.32 0.35 12.23
CA CYS A 189 -22.03 -0.95 12.80
C CYS A 189 -23.28 -1.82 12.70
N GLU A 190 -23.05 -3.13 12.60
CA GLU A 190 -24.13 -4.04 12.24
C GLU A 190 -25.25 -4.08 13.28
N LYS A 191 -24.94 -3.80 14.55
CA LYS A 191 -25.98 -3.82 15.58
C LYS A 191 -26.92 -2.64 15.42
N CYS A 192 -26.37 -1.43 15.21
CA CYS A 192 -27.21 -0.28 14.95
C CYS A 192 -27.98 -0.44 13.64
N PHE A 193 -27.37 -1.09 12.65
CA PHE A 193 -28.02 -1.32 11.37
C PHE A 193 -29.11 -2.38 11.50
N THR A 202 -32.28 8.28 6.47
CA THR A 202 -32.26 9.51 7.24
C THR A 202 -30.82 9.99 7.47
N LEU A 203 -30.08 10.14 6.39
CA LEU A 203 -28.65 10.39 6.45
C LEU A 203 -28.34 11.87 6.29
N GLY A 204 -27.40 12.35 7.11
CA GLY A 204 -26.85 13.69 6.95
C GLY A 204 -25.50 13.76 7.62
N ASP A 205 -24.66 14.69 7.16
CA ASP A 205 -23.31 14.84 7.67
C ASP A 205 -23.11 16.09 8.51
N ASP A 206 -24.18 16.85 8.79
CA ASP A 206 -24.06 18.08 9.54
C ASP A 206 -25.45 18.44 10.03
N PRO A 207 -25.60 19.01 11.23
CA PRO A 207 -26.96 19.33 11.72
C PRO A 207 -27.76 20.26 10.82
N SER A 208 -27.10 21.11 10.03
CA SER A 208 -27.81 22.02 9.14
C SER A 208 -28.07 21.44 7.76
N GLN A 209 -27.55 20.25 7.46
CA GLN A 209 -27.70 19.68 6.12
C GLN A 209 -29.02 18.94 6.03
N PRO A 210 -29.91 19.31 5.11
CA PRO A 210 -31.19 18.59 5.00
C PRO A 210 -30.94 17.11 4.75
N GLN A 211 -31.53 16.29 5.60
CA GLN A 211 -31.27 14.86 5.51
C GLN A 211 -32.04 14.24 4.34
N THR A 212 -31.51 13.14 3.83
CA THR A 212 -32.12 12.44 2.71
C THR A 212 -32.40 11.00 3.14
N THR A 213 -33.52 10.47 2.66
CA THR A 213 -33.87 9.08 2.91
C THR A 213 -33.19 8.24 1.84
N ILE A 214 -32.35 7.30 2.27
CA ILE A 214 -31.71 6.37 1.36
C ILE A 214 -32.24 4.97 1.65
N SER A 215 -32.47 4.20 0.59
CA SER A 215 -32.96 2.85 0.72
C SER A 215 -31.99 2.00 1.53
N LYS A 216 -32.44 1.49 2.68
CA LYS A 216 -31.63 0.55 3.44
C LYS A 216 -31.42 -0.72 2.61
N ASP A 217 -30.20 -1.25 2.68
CA ASP A 217 -29.73 -2.32 1.79
C ASP A 217 -29.55 -1.85 0.35
N GLN A 218 -29.50 -0.53 0.14
CA GLN A 218 -28.64 0.03 -0.89
C GLN A 218 -27.19 0.01 -0.44
N PHE A 219 -26.97 -0.30 0.84
CA PHE A 219 -25.67 -0.40 1.46
C PHE A 219 -24.99 -1.71 1.07
N GLU A 220 -23.68 -1.75 1.26
CA GLU A 220 -22.89 -2.97 1.10
C GLU A 220 -22.33 -3.34 2.47
N LYS A 221 -22.34 -4.62 2.79
CA LYS A 221 -21.69 -5.08 4.01
C LYS A 221 -20.20 -5.23 3.74
N LYS A 222 -19.40 -4.73 4.68
CA LYS A 222 -17.96 -4.69 4.53
C LYS A 222 -17.31 -5.15 5.82
N LYS A 223 -16.00 -5.31 5.76
CA LYS A 223 -15.17 -5.58 6.94
C LYS A 223 -14.13 -4.47 7.03
N ASN A 224 -13.88 -3.99 8.25
CA ASN A 224 -12.97 -2.87 8.45
C ASN A 224 -11.54 -3.40 8.59
N ASP A 225 -11.05 -4.00 7.50
CA ASP A 225 -9.74 -4.63 7.52
C ASP A 225 -8.79 -4.11 6.44
N THR A 226 -9.15 -3.02 5.76
CA THR A 226 -8.31 -2.45 4.71
C THR A 226 -7.27 -1.51 5.30
N LEU A 227 -6.04 -1.61 4.80
CA LEU A 227 -4.96 -0.69 5.16
C LEU A 227 -4.76 0.31 4.03
N ASP A 228 -4.76 1.62 4.37
CA ASP A 228 -4.49 2.68 3.40
C ASP A 228 -2.99 2.95 3.31
N PRO A 229 -2.51 3.47 2.17
CA PRO A 229 -1.10 3.87 2.09
C PRO A 229 -0.78 4.94 3.12
N GLU A 230 0.40 4.83 3.74
CA GLU A 230 0.87 5.82 4.70
C GLU A 230 1.16 7.13 3.97
N PRO A 231 0.56 8.25 4.35
CA PRO A 231 0.71 9.47 3.55
C PRO A 231 2.09 10.09 3.67
N PHE A 232 2.47 10.82 2.62
CA PHE A 232 3.80 11.37 2.46
C PHE A 232 3.85 12.89 2.64
N VAL A 233 5.06 13.36 2.91
CA VAL A 233 5.43 14.77 2.80
C VAL A 233 6.78 14.81 2.08
N ASP A 234 6.94 15.72 1.14
CA ASP A 234 8.19 15.79 0.39
C ASP A 234 9.17 16.72 1.09
N CYS A 235 10.43 16.32 1.12
CA CYS A 235 11.49 17.23 1.55
C CYS A 235 11.61 18.35 0.52
N LYS A 236 11.54 19.60 1.00
CA LYS A 236 11.57 20.72 0.08
C LYS A 236 12.92 20.91 -0.58
N GLU A 237 13.99 20.34 -0.03
CA GLU A 237 15.32 20.40 -0.65
C GLU A 237 15.54 19.27 -1.64
N CYS A 238 15.59 18.03 -1.15
CA CYS A 238 15.96 16.90 -2.01
C CYS A 238 14.79 16.28 -2.76
N GLY A 239 13.55 16.57 -2.38
CA GLY A 239 12.40 16.05 -3.08
C GLY A 239 11.98 14.64 -2.70
N ARG A 240 12.71 13.98 -1.80
CA ARG A 240 12.31 12.65 -1.38
C ARG A 240 10.97 12.67 -0.67
N LYS A 241 10.14 11.66 -0.97
CA LYS A 241 8.86 11.48 -0.29
C LYS A 241 9.10 10.71 1.00
N MET A 242 8.77 11.32 2.14
CA MET A 242 8.93 10.71 3.46
C MET A 242 7.56 10.58 4.09
N HIS A 243 7.39 9.62 5.00
CA HIS A 243 6.08 9.49 5.63
C HIS A 243 5.87 10.57 6.67
N GLN A 244 4.67 11.17 6.65
CA GLN A 244 4.32 12.14 7.68
C GLN A 244 4.54 11.60 9.08
N ILE A 245 4.06 10.38 9.38
N ILE A 245 4.10 10.35 9.34
CA ILE A 245 4.23 9.89 10.75
CA ILE A 245 4.20 9.77 10.68
C ILE A 245 5.68 9.55 11.08
C ILE A 245 5.65 9.52 11.06
N CYS A 246 6.53 9.33 10.08
CA CYS A 246 7.92 9.03 10.36
C CYS A 246 8.73 10.30 10.66
N VAL A 247 8.38 11.42 10.04
CA VAL A 247 9.26 12.58 10.05
C VAL A 247 8.65 13.82 10.69
N LEU A 248 7.33 13.89 10.88
CA LEU A 248 6.66 15.06 11.45
C LEU A 248 6.24 14.72 12.86
N HIS A 249 6.71 15.50 13.83
CA HIS A 249 6.53 15.19 15.24
C HIS A 249 5.66 16.24 15.92
N TYR A 250 5.00 15.80 16.99
CA TYR A 250 3.97 16.59 17.66
C TYR A 250 4.50 17.90 18.23
N ASP A 251 5.80 18.01 18.43
CA ASP A 251 6.40 19.19 19.06
C ASP A 251 7.24 20.04 18.10
N ILE A 252 7.17 19.78 16.80
CA ILE A 252 7.98 20.49 15.82
C ILE A 252 7.05 21.12 14.78
N ILE A 253 7.33 22.38 14.42
CA ILE A 253 6.64 23.01 13.28
C ILE A 253 7.62 23.29 12.17
N TRP A 254 7.06 23.34 10.96
CA TRP A 254 7.83 23.57 9.75
C TRP A 254 7.19 24.70 8.95
N PRO A 255 7.27 25.95 9.45
CA PRO A 255 6.61 27.06 8.74
C PRO A 255 7.10 27.25 7.31
N SER A 256 8.37 27.00 7.04
CA SER A 256 8.93 27.15 5.70
CA SER A 256 8.89 27.16 5.68
C SER A 256 8.96 25.85 4.91
N GLY A 257 8.33 24.81 5.41
CA GLY A 257 8.34 23.56 4.67
C GLY A 257 9.25 22.52 5.29
N PHE A 258 8.83 21.25 5.17
CA PHE A 258 9.61 20.16 5.75
C PHE A 258 10.94 20.00 5.04
N VAL A 259 12.01 19.81 5.82
CA VAL A 259 13.35 19.49 5.33
C VAL A 259 13.84 18.25 6.08
N CYS A 260 14.30 17.24 5.34
CA CYS A 260 14.70 15.99 5.97
C CYS A 260 16.04 16.13 6.71
N ASP A 261 16.33 15.13 7.55
CA ASP A 261 17.48 15.20 8.46
C ASP A 261 18.79 15.38 7.70
N ASN A 262 18.93 14.71 6.57
CA ASN A 262 20.15 14.80 5.78
C ASN A 262 20.29 16.10 5.01
N CYS A 263 19.19 16.82 4.78
CA CYS A 263 19.27 18.11 4.08
C CYS A 263 19.39 19.29 5.02
N LEU A 264 19.26 19.09 6.33
CA LEU A 264 19.32 20.18 7.30
C LEU A 264 20.71 20.78 7.38
ZN ZN B . 8.53 5.90 6.79
ZN ZN C . 15.98 16.06 1.90
ZN ZN D . -23.03 1.93 16.04
C4 69E E . -1.28 -15.96 -11.34
C5 69E E . -2.25 -15.98 -10.20
C11 69E E . -1.41 -20.93 -11.02
C8 69E E . -2.23 -18.41 -10.27
C9 69E E . -3.17 -19.41 -10.48
C10 69E E . -2.76 -20.67 -10.88
C12 69E E . -0.46 -19.94 -10.79
C13 69E E . -0.86 -18.65 -10.41
C1 69E E . 0.64 -15.30 -9.92
C2 69E E . 0.11 -16.37 -10.86
O6 69E E . -2.67 -14.98 -9.68
N7 69E E . -2.68 -17.16 -9.81
N14 69E E . 0.12 -17.68 -10.16
C15 69E E . 0.96 -20.35 -10.99
C16 69E E . 1.71 -19.88 -12.08
C17 69E E . 2.99 -20.31 -12.26
C18 69E E . 3.56 -21.20 -11.36
C19 69E E . 2.84 -21.68 -10.25
C20 69E E . 1.52 -21.25 -10.08
C21 69E E . 3.76 -22.59 -9.54
N22 69E E . 4.89 -22.61 -10.17
N23 69E E . 4.80 -21.78 -11.28
C24 69E E . 5.88 -21.57 -12.24
C25 69E E . 3.51 -23.34 -8.29
C26 69E E . 4.51 -24.02 -7.55
N27 69E E . 3.94 -24.53 -6.50
N28 69E E . 2.59 -24.19 -6.53
C29 69E E . 2.34 -23.44 -7.62
C30 69E E . 1.59 -24.55 -5.54
C1 B3P F . -4.78 -7.86 0.80
C2 B3P F . -4.64 -6.33 0.72
C3 B3P F . -5.90 -8.22 1.78
N1 B3P F . -5.50 -7.87 3.13
C4 B3P F . -6.66 -7.83 4.02
C5 B3P F . -6.19 -7.34 5.39
C6 B3P F . -7.73 -6.89 3.48
C7 B3P F . -7.25 -9.23 4.19
N2 B3P F . -3.86 -5.86 1.85
C8 B3P F . -3.59 -4.43 1.77
C9 B3P F . -4.85 -3.61 1.93
C10 B3P F . -2.97 -4.07 0.42
C11 B3P F . -2.61 -4.08 2.90
O1 B3P F . -5.39 -3.82 3.20
O2 B3P F . -1.71 -4.67 0.32
O3 B3P F . -1.45 -4.88 2.77
O4 B3P F . -5.59 -6.08 5.23
O5 B3P F . -7.16 -5.65 3.15
O6 B3P F . -6.39 -10.02 4.97
C1 EDO G . 8.47 3.71 -13.26
O1 EDO G . 8.53 3.08 -14.56
C2 EDO G . 7.14 3.40 -12.59
O2 EDO G . 6.90 1.99 -12.64
C1 EDO H . -2.92 -9.76 3.81
O1 EDO H . -3.60 -10.34 2.69
C2 EDO H . -2.54 -10.88 4.78
O2 EDO H . -1.72 -11.82 4.08
C1 EDO I . 5.18 20.39 4.83
O1 EDO I . 6.21 20.84 3.94
C2 EDO I . 5.69 20.41 6.26
O2 EDO I . 4.88 19.54 7.05
C1 EDO J . 21.28 -0.22 -14.66
O1 EDO J . 19.95 -0.02 -14.16
C2 EDO J . 22.12 -0.82 -13.56
O2 EDO J . 23.39 -0.18 -13.54
C1 EDO K . 9.92 14.74 19.28
O1 EDO K . 10.34 15.43 18.10
C2 EDO K . 8.83 13.73 18.97
O2 EDO K . 9.41 12.58 18.34
NA NA L . -1.66 -24.78 1.88
C1 PEG M . 1.47 -24.21 -12.94
O1 PEG M . 2.82 -24.41 -13.28
C2 PEG M . 1.16 -24.99 -11.66
O2 PEG M . 2.34 -25.56 -11.17
C3 PEG M . 2.18 -26.80 -10.53
C4 PEG M . 1.37 -26.62 -9.24
O4 PEG M . 0.01 -26.88 -9.50
C1 PEG N . 13.76 -11.39 -10.26
O1 PEG N . 13.36 -12.42 -11.14
C2 PEG N . 14.14 -11.88 -8.88
O2 PEG N . 15.24 -11.18 -8.38
C3 PEG N . 16.48 -11.46 -8.97
C4 PEG N . 17.01 -12.83 -8.51
O4 PEG N . 17.21 -13.64 -9.65
#